data_2QHF
#
_entry.id   2QHF
#
_cell.length_a   132.589
_cell.length_b   132.589
_cell.length_c   159.565
_cell.angle_alpha   90.00
_cell.angle_beta   90.00
_cell.angle_gamma   120.00
#
_symmetry.space_group_name_H-M   'P 64 2 2'
#
loop_
_entity.id
_entity.type
_entity.pdbx_description
1 polymer 'Chorismate synthase'
2 non-polymer 'ACETATE ION'
3 non-polymer 'SODIUM ION'
4 non-polymer 'CHLORIDE ION'
5 non-polymer NICOTINAMIDE
6 non-polymer 2-AMINO-2-HYDROXYMETHYL-PROPANE-1,3-DIOL
7 water water
#
_entity_poly.entity_id   1
_entity_poly.type   'polypeptide(L)'
_entity_poly.pdbx_seq_one_letter_code
;MLRWITAGESHGRALVAVVEGMVAGVHVTSADIADQLARRRLGYGRGARMTFERDAVTVLSGIRHGSTLGGPIAIEIGNT
EWPKWETVMAADPVDPAELADVARNAPLTRPRPGHADYAGMLKYGFDDARPVLERASARETAARVAAGTVARAFLRQALG
VEVLSHVISIGASAPYEGPPPRAEDLPAIDASPVRAYDKAAEADMIAQIEAAKKDGDTLGGVVEAVALGLPVGLGSFTSG
DHRLDSQLAAAVMGIQAIKGVEIGDGFQTARRRGSRAHDEMYPGPDGVVRSTNRAGGLEGGMTNGQPLRVRAAMKPISTV
PRALATVDLATGDEAVAIHQRSDVCAVPAAGVVVETMVALVLARAALEKFGGDSLAETQRNIAAYQRSVADREAPAARVS
GHHHHHH
;
_entity_poly.pdbx_strand_id   A
#
loop_
_chem_comp.id
_chem_comp.type
_chem_comp.name
_chem_comp.formula
ACT non-polymer 'ACETATE ION' 'C2 H3 O2 -1'
CL non-polymer 'CHLORIDE ION' 'Cl -1'
NA non-polymer 'SODIUM ION' 'Na 1'
NCA non-polymer NICOTINAMIDE 'C6 H6 N2 O'
TRS non-polymer 2-AMINO-2-HYDROXYMETHYL-PROPANE-1,3-DIOL 'C4 H12 N O3 1'
#
# COMPACT_ATOMS: atom_id res chain seq x y z
N MET A 1 -21.12 -4.08 -2.01
CA MET A 1 -19.86 -4.02 -1.23
C MET A 1 -18.81 -3.27 -2.04
N LEU A 2 -18.01 -2.46 -1.36
CA LEU A 2 -16.88 -1.79 -2.01
C LEU A 2 -15.85 -2.85 -2.43
N ARG A 3 -15.43 -2.81 -3.71
CA ARG A 3 -14.43 -3.73 -4.25
CA ARG A 3 -14.43 -3.72 -4.23
C ARG A 3 -13.45 -2.95 -5.11
N TRP A 4 -12.23 -3.47 -5.20
CA TRP A 4 -11.16 -2.80 -5.96
C TRP A 4 -10.37 -3.84 -6.71
N ILE A 5 -9.95 -3.47 -7.92
CA ILE A 5 -9.09 -4.36 -8.67
CA ILE A 5 -9.24 -4.35 -8.83
C ILE A 5 -8.11 -3.53 -9.47
N THR A 6 -6.91 -4.09 -9.59
CA THR A 6 -5.83 -3.44 -10.36
C THR A 6 -5.49 -4.33 -11.55
N ALA A 7 -5.03 -3.71 -12.64
CA ALA A 7 -4.60 -4.46 -13.80
C ALA A 7 -3.40 -3.70 -14.40
N GLY A 8 -2.53 -4.42 -15.07
CA GLY A 8 -1.38 -3.80 -15.72
C GLY A 8 -0.10 -4.56 -15.45
N GLU A 9 0.79 -4.48 -16.43
CA GLU A 9 2.17 -4.91 -16.27
C GLU A 9 3.04 -3.66 -16.12
N SER A 10 4.17 -3.80 -15.45
CA SER A 10 5.07 -2.68 -15.15
CA SER A 10 5.04 -2.66 -15.15
C SER A 10 5.47 -1.93 -16.43
N HIS A 11 5.78 -2.70 -17.45
CA HIS A 11 6.21 -2.14 -18.73
C HIS A 11 5.16 -2.23 -19.82
N GLY A 12 3.92 -2.47 -19.41
CA GLY A 12 2.82 -2.45 -20.36
C GLY A 12 2.38 -1.04 -20.69
N ARG A 13 1.36 -0.94 -21.53
CA ARG A 13 0.91 0.36 -22.02
CA ARG A 13 0.79 0.32 -22.02
C ARG A 13 0.41 1.26 -20.89
N ALA A 14 -0.30 0.68 -19.92
CA ALA A 14 -0.91 1.48 -18.88
C ALA A 14 -1.30 0.55 -17.73
N LEU A 15 -1.52 1.16 -16.59
CA LEU A 15 -2.18 0.52 -15.43
C LEU A 15 -3.62 0.97 -15.35
N VAL A 16 -4.48 0.13 -14.77
CA VAL A 16 -5.88 0.46 -14.59
C VAL A 16 -6.26 0.05 -13.17
N ALA A 17 -7.00 0.93 -12.51
CA ALA A 17 -7.67 0.62 -11.24
C ALA A 17 -9.16 0.75 -11.45
N VAL A 18 -9.95 -0.19 -10.92
CA VAL A 18 -11.39 -0.09 -10.96
C VAL A 18 -11.89 -0.24 -9.53
N VAL A 19 -12.72 0.71 -9.11
CA VAL A 19 -13.38 0.65 -7.80
C VAL A 19 -14.88 0.55 -8.06
N GLU A 20 -15.52 -0.50 -7.51
CA GLU A 20 -16.94 -0.78 -7.68
CA GLU A 20 -16.96 -0.66 -7.67
C GLU A 20 -17.62 -0.61 -6.30
N GLY A 21 -18.83 -0.09 -6.26
CA GLY A 21 -19.58 -0.01 -5.00
C GLY A 21 -19.36 1.21 -4.15
N MET A 22 -18.71 2.24 -4.71
CA MET A 22 -18.64 3.50 -4.00
C MET A 22 -19.93 4.29 -4.25
N VAL A 23 -20.41 4.95 -3.20
CA VAL A 23 -21.61 5.79 -3.31
C VAL A 23 -21.39 6.96 -4.26
N ALA A 24 -22.50 7.43 -4.82
CA ALA A 24 -22.51 8.65 -5.63
C ALA A 24 -22.30 9.86 -4.74
N GLY A 25 -21.74 10.93 -5.29
CA GLY A 25 -21.68 12.19 -4.55
C GLY A 25 -20.40 12.48 -3.80
N VAL A 26 -19.40 11.61 -3.90
CA VAL A 26 -18.12 11.84 -3.26
C VAL A 26 -17.28 12.72 -4.20
N HIS A 27 -16.73 13.79 -3.62
CA HIS A 27 -15.94 14.73 -4.42
CA HIS A 27 -15.94 14.74 -4.40
C HIS A 27 -14.51 14.24 -4.55
N VAL A 28 -14.12 13.93 -5.76
CA VAL A 28 -12.76 13.51 -6.04
C VAL A 28 -12.42 13.81 -7.50
N THR A 29 -11.17 14.20 -7.73
CA THR A 29 -10.73 14.67 -9.04
C THR A 29 -9.45 13.99 -9.48
N SER A 30 -9.13 14.14 -10.77
CA SER A 30 -7.89 13.60 -11.30
CA SER A 30 -7.88 13.64 -11.34
C SER A 30 -6.68 14.22 -10.61
N ALA A 31 -6.79 15.50 -10.22
CA ALA A 31 -5.73 16.17 -9.47
C ALA A 31 -5.50 15.54 -8.10
N ASP A 32 -6.59 15.15 -7.42
CA ASP A 32 -6.46 14.42 -6.15
C ASP A 32 -5.69 13.11 -6.33
N ILE A 33 -6.02 12.38 -7.40
CA ILE A 33 -5.37 11.13 -7.69
C ILE A 33 -3.88 11.35 -7.98
N ALA A 34 -3.59 12.32 -8.84
CA ALA A 34 -2.20 12.63 -9.17
C ALA A 34 -1.39 13.04 -7.94
N ASP A 35 -2.01 13.81 -7.05
CA ASP A 35 -1.36 14.22 -5.80
C ASP A 35 -0.97 13.02 -4.94
N GLN A 36 -1.86 12.02 -4.84
CA GLN A 36 -1.51 10.83 -4.07
C GLN A 36 -0.46 9.99 -4.76
N LEU A 37 -0.55 9.91 -6.08
CA LEU A 37 0.47 9.22 -6.82
C LEU A 37 1.84 9.87 -6.63
N ALA A 38 1.87 11.19 -6.54
CA ALA A 38 3.13 11.92 -6.33
C ALA A 38 3.76 11.54 -5.00
N ARG A 39 2.94 11.26 -3.99
CA ARG A 39 3.49 10.84 -2.70
C ARG A 39 4.30 9.54 -2.76
N ARG A 40 4.09 8.69 -3.78
CA ARG A 40 4.99 7.53 -4.04
C ARG A 40 6.39 7.89 -4.51
N ARG A 41 6.61 9.12 -4.89
CA ARG A 41 7.94 9.57 -5.30
C ARG A 41 8.78 9.99 -4.10
N LEU A 42 8.19 9.95 -2.91
CA LEU A 42 8.88 10.41 -1.72
C LEU A 42 9.88 9.40 -1.22
N GLY A 43 10.96 9.90 -0.61
CA GLY A 43 11.94 9.05 0.06
C GLY A 43 13.34 9.19 -0.47
N TYR A 44 14.31 9.16 0.45
CA TYR A 44 15.72 9.24 0.12
C TYR A 44 16.12 8.16 -0.89
N GLY A 45 16.61 8.59 -2.06
CA GLY A 45 17.04 7.66 -3.11
C GLY A 45 15.94 7.12 -4.01
N ARG A 46 14.73 7.66 -3.87
CA ARG A 46 13.58 7.16 -4.63
C ARG A 46 13.75 7.36 -6.14
N GLY A 47 14.52 8.39 -6.52
CA GLY A 47 14.82 8.65 -7.92
C GLY A 47 15.61 7.56 -8.63
N ALA A 48 16.25 6.68 -7.87
CA ALA A 48 16.87 5.47 -8.45
C ALA A 48 15.83 4.49 -9.00
N ARG A 49 14.59 4.63 -8.55
CA ARG A 49 13.51 3.70 -8.92
C ARG A 49 12.49 4.32 -9.87
N MET A 50 12.14 5.58 -9.63
CA MET A 50 11.13 6.27 -10.42
C MET A 50 11.75 7.27 -11.38
N THR A 51 11.25 7.31 -12.61
CA THR A 51 11.69 8.28 -13.61
C THR A 51 11.13 9.64 -13.29
N PHE A 52 11.87 10.69 -13.63
CA PHE A 52 11.45 12.06 -13.36
C PHE A 52 10.10 12.39 -14.01
N GLU A 53 9.89 11.91 -15.24
CA GLU A 53 8.66 12.24 -15.96
C GLU A 53 7.46 11.61 -15.27
N ARG A 54 6.46 12.44 -14.97
CA ARG A 54 5.27 11.99 -14.29
C ARG A 54 4.32 11.35 -15.27
N ASP A 55 3.66 10.28 -14.82
CA ASP A 55 2.74 9.56 -15.69
C ASP A 55 1.41 10.29 -15.76
N ALA A 56 0.75 10.11 -16.89
CA ALA A 56 -0.53 10.73 -17.12
C ALA A 56 -1.63 9.93 -16.38
N VAL A 57 -2.47 10.66 -15.66
CA VAL A 57 -3.65 10.08 -15.00
C VAL A 57 -4.89 10.46 -15.78
N THR A 58 -5.72 9.46 -16.09
CA THR A 58 -6.96 9.69 -16.79
C THR A 58 -8.07 8.94 -16.08
N VAL A 59 -9.09 9.67 -15.66
CA VAL A 59 -10.32 9.07 -15.12
C VAL A 59 -11.19 8.72 -16.31
N LEU A 60 -11.42 7.42 -16.49
CA LEU A 60 -12.19 6.94 -17.65
C LEU A 60 -13.69 6.85 -17.39
N SER A 61 -14.08 6.57 -16.16
CA SER A 61 -15.49 6.35 -15.83
C SER A 61 -15.80 6.62 -14.37
N GLY A 62 -17.08 6.84 -14.10
CA GLY A 62 -17.60 6.81 -12.75
C GLY A 62 -17.55 8.10 -11.97
N ILE A 63 -17.01 9.15 -12.58
CA ILE A 63 -16.94 10.46 -11.94
C ILE A 63 -17.35 11.49 -13.00
N ARG A 64 -18.22 12.39 -12.61
CA ARG A 64 -18.67 13.47 -13.48
C ARG A 64 -18.61 14.80 -12.72
N HIS A 65 -17.92 15.76 -13.33
CA HIS A 65 -17.79 17.10 -12.73
C HIS A 65 -17.31 17.04 -11.27
N GLY A 66 -16.36 16.13 -11.03
CA GLY A 66 -15.69 16.00 -9.75
C GLY A 66 -16.48 15.25 -8.68
N SER A 67 -17.57 14.60 -9.06
CA SER A 67 -18.43 13.87 -8.11
CA SER A 67 -18.44 13.88 -8.12
C SER A 67 -18.65 12.46 -8.63
N THR A 68 -18.52 11.47 -7.74
CA THR A 68 -18.76 10.10 -8.14
C THR A 68 -20.21 9.89 -8.58
N LEU A 69 -20.39 8.96 -9.51
CA LEU A 69 -21.69 8.67 -10.12
C LEU A 69 -22.39 7.49 -9.48
N GLY A 70 -21.66 6.72 -8.71
CA GLY A 70 -22.23 5.46 -8.15
C GLY A 70 -21.89 4.18 -8.87
N GLY A 71 -21.51 4.28 -10.14
CA GLY A 71 -21.07 3.13 -10.91
C GLY A 71 -19.59 2.88 -10.76
N PRO A 72 -19.06 1.90 -11.51
CA PRO A 72 -17.65 1.60 -11.41
C PRO A 72 -16.78 2.77 -11.86
N ILE A 73 -15.73 3.00 -11.09
CA ILE A 73 -14.78 4.10 -11.34
C ILE A 73 -13.52 3.45 -11.89
N ALA A 74 -13.15 3.82 -13.12
CA ALA A 74 -11.97 3.27 -13.76
C ALA A 74 -10.98 4.40 -13.97
N ILE A 75 -9.76 4.20 -13.50
CA ILE A 75 -8.67 5.18 -13.57
C ILE A 75 -7.52 4.55 -14.30
N GLU A 76 -6.99 5.27 -15.30
CA GLU A 76 -5.87 4.78 -16.08
C GLU A 76 -4.61 5.59 -15.76
N ILE A 77 -3.48 4.89 -15.64
CA ILE A 77 -2.18 5.53 -15.36
C ILE A 77 -1.24 5.12 -16.49
N GLY A 78 -0.77 6.10 -17.23
CA GLY A 78 0.06 5.80 -18.37
C GLY A 78 1.44 5.34 -17.99
N ASN A 79 2.13 4.75 -18.96
CA ASN A 79 3.52 4.35 -18.84
C ASN A 79 4.36 5.19 -19.78
N THR A 80 5.17 6.11 -19.24
CA THR A 80 6.00 6.97 -20.06
C THR A 80 7.06 6.20 -20.85
N GLU A 81 7.44 5.03 -20.36
CA GLU A 81 8.47 4.20 -21.02
C GLU A 81 7.90 3.23 -22.07
N TRP A 82 6.60 3.32 -22.37
CA TRP A 82 5.95 2.37 -23.29
C TRP A 82 6.63 2.28 -24.65
N PRO A 83 7.04 3.41 -25.23
CA PRO A 83 7.71 3.25 -26.54
C PRO A 83 8.88 2.28 -26.58
N LYS A 84 9.63 2.14 -25.48
CA LYS A 84 10.73 1.18 -25.41
C LYS A 84 10.27 -0.25 -25.33
N TRP A 85 9.05 -0.46 -24.84
CA TRP A 85 8.54 -1.78 -24.53
C TRP A 85 7.42 -2.19 -25.46
N GLU A 86 7.08 -1.35 -26.42
CA GLU A 86 5.89 -1.62 -27.22
C GLU A 86 5.95 -2.86 -28.11
N THR A 87 7.16 -3.38 -28.36
CA THR A 87 7.31 -4.66 -29.06
C THR A 87 7.45 -5.84 -28.10
N VAL A 88 8.37 -5.71 -27.14
CA VAL A 88 8.60 -6.74 -26.16
C VAL A 88 7.31 -7.06 -25.38
N MET A 89 6.54 -6.04 -25.07
CA MET A 89 5.27 -6.21 -24.30
C MET A 89 4.05 -5.94 -25.16
N ALA A 90 4.20 -6.03 -26.49
CA ALA A 90 3.05 -5.95 -27.37
C ALA A 90 1.98 -6.99 -26.97
N ALA A 91 0.72 -6.54 -27.00
CA ALA A 91 -0.42 -7.45 -26.73
C ALA A 91 -0.62 -8.46 -27.83
N ASP A 92 -0.37 -8.04 -29.07
CA ASP A 92 -0.64 -8.87 -30.22
C ASP A 92 0.63 -9.57 -30.69
N PRO A 93 0.47 -10.66 -31.46
CA PRO A 93 1.63 -11.39 -31.95
C PRO A 93 2.60 -10.54 -32.76
N VAL A 94 3.87 -10.89 -32.61
CA VAL A 94 4.97 -10.30 -33.35
C VAL A 94 5.74 -11.47 -33.96
N ASP A 95 6.18 -11.27 -35.19
N ASP A 95 6.12 -11.32 -35.23
CA ASP A 95 7.00 -12.26 -35.89
CA ASP A 95 6.88 -12.36 -35.91
C ASP A 95 8.13 -12.73 -34.97
C ASP A 95 8.09 -12.76 -35.06
N PRO A 96 8.15 -14.03 -34.63
CA PRO A 96 9.22 -14.54 -33.76
C PRO A 96 10.65 -14.34 -34.29
N ALA A 97 10.79 -14.23 -35.61
CA ALA A 97 12.07 -13.93 -36.23
C ALA A 97 12.50 -12.49 -35.95
N GLU A 98 11.54 -11.58 -35.96
CA GLU A 98 11.79 -10.18 -35.61
C GLU A 98 12.14 -10.11 -34.11
N LEU A 99 11.37 -10.82 -33.30
CA LEU A 99 11.58 -10.84 -31.85
CA LEU A 99 11.61 -10.82 -31.85
C LEU A 99 12.96 -11.39 -31.52
N ALA A 100 13.42 -12.36 -32.31
CA ALA A 100 14.71 -13.00 -32.09
C ALA A 100 15.86 -12.00 -32.19
N ASP A 101 15.66 -10.93 -32.95
CA ASP A 101 16.68 -9.88 -33.10
C ASP A 101 16.53 -8.71 -32.11
N VAL A 102 15.64 -8.85 -31.12
CA VAL A 102 15.43 -7.80 -30.15
C VAL A 102 16.06 -8.24 -28.82
N ALA A 103 17.17 -7.61 -28.45
CA ALA A 103 17.92 -8.03 -27.26
C ALA A 103 17.04 -7.92 -26.02
N ARG A 104 16.21 -6.90 -26.01
CA ARG A 104 15.31 -6.64 -24.86
C ARG A 104 14.30 -7.78 -24.62
N ASN A 105 14.03 -8.60 -25.64
CA ASN A 105 13.06 -9.71 -25.54
CA ASN A 105 13.05 -9.70 -25.54
C ASN A 105 13.64 -11.00 -25.00
N ALA A 106 14.93 -10.99 -24.69
CA ALA A 106 15.61 -12.20 -24.23
C ALA A 106 14.88 -12.74 -23.00
N PRO A 107 14.64 -14.05 -22.94
CA PRO A 107 14.04 -14.60 -21.72
C PRO A 107 14.93 -14.51 -20.47
N LEU A 108 14.26 -14.43 -19.33
CA LEU A 108 14.88 -14.31 -18.03
C LEU A 108 14.70 -15.66 -17.36
N THR A 109 15.79 -16.38 -17.11
CA THR A 109 15.70 -17.77 -16.63
C THR A 109 16.42 -18.00 -15.29
N ARG A 110 16.85 -16.92 -14.64
CA ARG A 110 17.59 -16.94 -13.38
C ARG A 110 16.77 -16.25 -12.28
N PRO A 111 15.90 -17.01 -11.60
CA PRO A 111 14.99 -16.36 -10.65
C PRO A 111 15.71 -15.69 -9.49
N ARG A 112 15.22 -14.52 -9.09
CA ARG A 112 15.77 -13.79 -7.96
C ARG A 112 15.26 -14.33 -6.64
N PRO A 113 16.16 -14.77 -5.75
CA PRO A 113 15.70 -15.05 -4.38
C PRO A 113 14.90 -13.93 -3.78
N GLY A 114 13.81 -14.29 -3.09
CA GLY A 114 12.97 -13.29 -2.46
C GLY A 114 11.84 -12.76 -3.32
N HIS A 115 11.84 -13.12 -4.59
CA HIS A 115 10.81 -12.65 -5.50
C HIS A 115 9.92 -13.79 -6.02
N ALA A 116 8.87 -13.39 -6.72
CA ALA A 116 7.90 -14.31 -7.30
C ALA A 116 8.45 -15.23 -8.39
N ASP A 117 9.62 -14.86 -8.93
CA ASP A 117 10.11 -15.46 -10.17
C ASP A 117 10.01 -16.98 -10.21
N TYR A 118 10.69 -17.66 -9.28
CA TYR A 118 10.79 -19.11 -9.33
C TYR A 118 9.44 -19.78 -9.20
N ALA A 119 8.75 -19.48 -8.11
CA ALA A 119 7.45 -20.15 -7.88
C ALA A 119 6.45 -19.83 -9.00
N GLY A 120 6.46 -18.59 -9.49
CA GLY A 120 5.56 -18.17 -10.55
C GLY A 120 5.84 -18.89 -11.84
N MET A 121 7.12 -19.03 -12.19
CA MET A 121 7.50 -19.79 -13.39
C MET A 121 7.00 -21.22 -13.36
N LEU A 122 7.20 -21.89 -12.24
CA LEU A 122 6.73 -23.25 -12.07
C LEU A 122 5.21 -23.34 -12.07
N LYS A 123 4.58 -22.44 -11.34
CA LYS A 123 3.11 -22.44 -11.20
C LYS A 123 2.41 -22.33 -12.54
N TYR A 124 2.86 -21.37 -13.36
CA TYR A 124 2.21 -21.04 -14.63
C TYR A 124 2.85 -21.74 -15.84
N GLY A 125 3.90 -22.51 -15.58
CA GLY A 125 4.63 -23.24 -16.62
C GLY A 125 5.37 -22.31 -17.59
N PHE A 126 5.84 -21.17 -17.11
CA PHE A 126 6.62 -20.23 -17.95
C PHE A 126 8.10 -20.62 -17.99
N ASP A 127 8.72 -20.54 -19.17
CA ASP A 127 10.17 -20.73 -19.25
CA ASP A 127 10.16 -20.72 -19.34
C ASP A 127 10.92 -19.41 -19.18
N ASP A 128 10.19 -18.30 -19.03
CA ASP A 128 10.71 -16.94 -18.97
C ASP A 128 10.11 -16.29 -17.71
N ALA A 129 10.92 -15.64 -16.89
CA ALA A 129 10.40 -14.93 -15.69
C ALA A 129 9.65 -13.65 -16.05
N ARG A 130 9.84 -13.13 -17.27
CA ARG A 130 9.27 -11.83 -17.64
C ARG A 130 7.78 -11.67 -17.30
N PRO A 131 6.91 -12.60 -17.75
CA PRO A 131 5.48 -12.45 -17.43
C PRO A 131 5.18 -12.41 -15.92
N VAL A 132 6.02 -13.08 -15.13
CA VAL A 132 5.87 -13.06 -13.65
C VAL A 132 6.27 -11.71 -13.10
N LEU A 133 7.50 -11.27 -13.38
CA LEU A 133 7.97 -10.02 -12.79
C LEU A 133 7.22 -8.80 -13.27
N GLU A 134 6.72 -8.83 -14.50
CA GLU A 134 5.98 -7.71 -15.02
C GLU A 134 4.71 -7.43 -14.20
N ARG A 135 4.05 -8.49 -13.75
CA ARG A 135 2.81 -8.30 -12.97
C ARG A 135 3.08 -8.22 -11.46
N ALA A 136 4.09 -8.94 -11.00
CA ALA A 136 4.46 -8.96 -9.55
C ALA A 136 5.08 -7.64 -9.09
N SER A 137 5.72 -6.92 -10.01
CA SER A 137 6.40 -5.67 -9.70
C SER A 137 5.57 -4.70 -8.88
N ALA A 138 6.23 -4.02 -7.94
CA ALA A 138 5.57 -3.01 -7.12
C ALA A 138 5.11 -1.77 -7.86
N ARG A 139 5.40 -1.67 -9.17
CA ARG A 139 4.78 -0.65 -10.00
CA ARG A 139 4.78 -0.66 -10.01
C ARG A 139 3.24 -0.74 -9.91
N GLU A 140 2.73 -1.96 -9.70
CA GLU A 140 1.26 -2.22 -9.54
C GLU A 140 0.67 -1.43 -8.38
N THR A 141 1.48 -1.11 -7.39
CA THR A 141 1.00 -0.30 -6.26
C THR A 141 0.56 1.11 -6.61
N ALA A 142 1.01 1.64 -7.77
CA ALA A 142 0.47 2.87 -8.28
C ALA A 142 -1.04 2.79 -8.53
N ALA A 143 -1.48 1.69 -9.14
CA ALA A 143 -2.89 1.45 -9.38
C ALA A 143 -3.65 1.33 -8.06
N ARG A 144 -3.05 0.67 -7.07
CA ARG A 144 -3.68 0.63 -5.74
C ARG A 144 -3.92 2.02 -5.20
N VAL A 145 -2.88 2.87 -5.25
CA VAL A 145 -2.98 4.24 -4.73
C VAL A 145 -4.05 5.06 -5.45
N ALA A 146 -4.23 4.84 -6.77
CA ALA A 146 -5.31 5.50 -7.48
C ALA A 146 -6.68 5.12 -6.89
N ALA A 147 -6.91 3.82 -6.72
CA ALA A 147 -8.14 3.33 -6.11
C ALA A 147 -8.31 3.87 -4.68
N GLY A 148 -7.24 3.84 -3.90
CA GLY A 148 -7.26 4.30 -2.52
C GLY A 148 -7.64 5.75 -2.35
N THR A 149 -7.37 6.57 -3.36
CA THR A 149 -7.73 7.98 -3.32
C THR A 149 -9.23 8.19 -3.23
N VAL A 150 -9.97 7.34 -3.94
CA VAL A 150 -11.43 7.36 -3.87
C VAL A 150 -11.90 7.03 -2.44
N ALA A 151 -11.30 5.98 -1.87
CA ALA A 151 -11.59 5.58 -0.49
C ALA A 151 -11.28 6.68 0.51
N ARG A 152 -10.13 7.33 0.32
CA ARG A 152 -9.74 8.45 1.18
C ARG A 152 -10.70 9.61 1.17
N ALA A 153 -11.15 9.97 -0.03
CA ALA A 153 -12.11 11.04 -0.19
C ALA A 153 -13.42 10.72 0.50
N PHE A 154 -13.93 9.50 0.30
CA PHE A 154 -15.10 9.04 1.01
C PHE A 154 -14.91 9.13 2.55
N LEU A 155 -13.79 8.63 3.06
CA LEU A 155 -13.59 8.61 4.51
C LEU A 155 -13.58 10.02 5.10
N ARG A 156 -12.92 10.93 4.40
CA ARG A 156 -12.87 12.32 4.88
C ARG A 156 -14.25 12.96 4.87
N GLN A 157 -14.97 12.83 3.76
CA GLN A 157 -16.24 13.48 3.55
C GLN A 157 -17.38 12.89 4.35
N ALA A 158 -17.38 11.57 4.48
CA ALA A 158 -18.43 10.88 5.22
C ALA A 158 -18.22 10.86 6.73
N LEU A 159 -16.97 10.62 7.15
CA LEU A 159 -16.65 10.36 8.55
C LEU A 159 -15.65 11.32 9.22
N GLY A 160 -15.07 12.23 8.44
CA GLY A 160 -14.03 13.10 8.98
C GLY A 160 -12.78 12.33 9.36
N VAL A 161 -12.55 11.20 8.71
CA VAL A 161 -11.42 10.35 8.99
C VAL A 161 -10.24 10.72 8.08
N GLU A 162 -9.05 10.75 8.68
CA GLU A 162 -7.77 10.96 7.97
C GLU A 162 -6.88 9.74 8.13
N VAL A 163 -6.16 9.36 7.06
CA VAL A 163 -5.22 8.26 7.11
C VAL A 163 -3.83 8.81 6.76
N LEU A 164 -2.85 8.44 7.58
CA LEU A 164 -1.46 8.84 7.28
C LEU A 164 -0.53 7.74 7.71
N SER A 165 0.77 7.94 7.53
CA SER A 165 1.75 6.95 7.91
C SER A 165 3.04 7.64 8.30
N HIS A 166 3.82 6.94 9.08
CA HIS A 166 5.18 7.33 9.38
C HIS A 166 6.04 6.10 9.54
N VAL A 167 7.34 6.27 9.32
CA VAL A 167 8.27 5.16 9.35
C VAL A 167 8.83 4.95 10.75
N ILE A 168 8.76 3.71 11.21
CA ILE A 168 9.21 3.33 12.57
C ILE A 168 10.69 2.97 12.60
N SER A 169 11.13 2.20 11.61
CA SER A 169 12.52 1.77 11.53
C SER A 169 12.90 1.44 10.09
N ILE A 170 14.19 1.63 9.77
CA ILE A 170 14.80 1.18 8.52
C ILE A 170 16.11 0.47 8.90
N GLY A 171 16.36 -0.71 8.34
CA GLY A 171 17.52 -1.50 8.67
C GLY A 171 17.67 -1.64 10.18
N ALA A 172 18.87 -1.40 10.68
CA ALA A 172 19.14 -1.60 12.12
C ALA A 172 18.87 -0.38 13.00
N SER A 173 18.08 0.57 12.52
CA SER A 173 17.77 1.77 13.29
C SER A 173 17.02 1.39 14.59
N ALA A 174 17.18 2.25 15.59
CA ALA A 174 16.41 2.11 16.83
C ALA A 174 14.96 2.57 16.58
N PRO A 175 13.99 1.65 16.76
CA PRO A 175 12.61 1.99 16.41
C PRO A 175 12.06 3.18 17.16
N TYR A 176 11.29 4.02 16.48
CA TYR A 176 10.56 5.09 17.13
C TYR A 176 9.37 4.49 17.87
N GLU A 177 9.34 4.66 19.19
CA GLU A 177 8.21 4.05 19.94
CA GLU A 177 8.34 4.06 20.09
C GLU A 177 7.32 5.08 20.65
N GLY A 178 7.47 6.35 20.31
CA GLY A 178 6.60 7.40 20.83
C GLY A 178 5.21 7.43 20.23
N PRO A 179 4.42 8.47 20.58
CA PRO A 179 3.07 8.57 20.06
C PRO A 179 3.02 8.73 18.55
N PRO A 180 1.92 8.30 17.93
CA PRO A 180 1.81 8.51 16.50
C PRO A 180 1.52 9.96 16.18
N PRO A 181 1.71 10.34 14.91
CA PRO A 181 1.34 11.66 14.45
C PRO A 181 -0.15 11.86 14.29
N ARG A 182 -0.54 13.13 14.23
CA ARG A 182 -1.88 13.50 13.82
C ARG A 182 -1.82 14.02 12.39
N ALA A 183 -2.99 14.31 11.82
CA ALA A 183 -3.08 14.73 10.44
C ALA A 183 -2.23 15.96 10.19
N GLU A 184 -2.20 16.89 11.14
CA GLU A 184 -1.48 18.15 10.96
C GLU A 184 0.03 17.97 10.85
N ASP A 185 0.51 16.79 11.24
CA ASP A 185 1.93 16.44 11.17
C ASP A 185 2.37 15.92 9.80
N LEU A 186 1.43 15.71 8.88
CA LEU A 186 1.78 15.03 7.64
C LEU A 186 2.76 15.84 6.77
N PRO A 187 2.58 17.17 6.68
CA PRO A 187 3.54 17.95 5.88
C PRO A 187 4.99 17.72 6.31
N ALA A 188 5.25 17.76 7.61
CA ALA A 188 6.60 17.52 8.12
C ALA A 188 7.09 16.11 7.82
N ILE A 189 6.21 15.12 7.99
CA ILE A 189 6.59 13.74 7.71
C ILE A 189 6.95 13.58 6.23
N ASP A 190 6.09 14.07 5.36
CA ASP A 190 6.33 13.91 3.93
C ASP A 190 7.54 14.71 3.46
N ALA A 191 7.96 15.70 4.24
CA ALA A 191 9.22 16.45 3.97
C ALA A 191 10.47 15.75 4.50
N SER A 192 10.29 14.74 5.36
CA SER A 192 11.43 13.98 5.85
C SER A 192 11.93 13.02 4.78
N PRO A 193 13.26 12.95 4.59
CA PRO A 193 13.82 11.99 3.64
C PRO A 193 13.43 10.53 3.90
N VAL A 194 13.07 10.21 5.13
CA VAL A 194 12.66 8.84 5.47
C VAL A 194 11.21 8.81 6.02
N ARG A 195 10.46 9.90 5.82
CA ARG A 195 9.07 10.00 6.26
C ARG A 195 8.94 9.59 7.74
N ALA A 196 9.86 10.14 8.54
CA ALA A 196 9.84 9.94 9.97
C ALA A 196 9.12 11.06 10.68
N TYR A 197 8.52 10.74 11.83
CA TYR A 197 7.87 11.72 12.68
C TYR A 197 8.80 12.23 13.80
N ASP A 198 9.87 11.49 14.06
CA ASP A 198 10.81 11.75 15.15
C ASP A 198 12.19 12.10 14.56
N LYS A 199 12.80 13.18 15.04
CA LYS A 199 14.07 13.63 14.51
C LYS A 199 15.28 12.72 14.82
N ALA A 200 15.32 12.15 16.01
CA ALA A 200 16.36 11.18 16.36
C ALA A 200 16.27 9.95 15.48
N ALA A 201 15.07 9.40 15.33
CA ALA A 201 14.88 8.23 14.49
C ALA A 201 15.22 8.54 13.03
N GLU A 202 14.84 9.74 12.58
CA GLU A 202 15.13 10.18 11.22
C GLU A 202 16.64 10.12 10.95
N ALA A 203 17.42 10.70 11.86
CA ALA A 203 18.87 10.71 11.66
C ALA A 203 19.47 9.32 11.63
N ASP A 204 19.00 8.45 12.51
CA ASP A 204 19.44 7.08 12.61
C ASP A 204 19.13 6.34 11.30
N MET A 205 17.89 6.47 10.83
CA MET A 205 17.50 5.81 9.57
C MET A 205 18.28 6.31 8.36
N ILE A 206 18.48 7.62 8.27
CA ILE A 206 19.28 8.20 7.15
C ILE A 206 20.68 7.60 7.19
N ALA A 207 21.27 7.51 8.38
CA ALA A 207 22.58 6.86 8.56
C ALA A 207 22.62 5.40 8.12
N GLN A 208 21.57 4.65 8.43
CA GLN A 208 21.49 3.26 7.99
CA GLN A 208 21.48 3.26 7.99
C GLN A 208 21.49 3.18 6.46
N ILE A 209 20.70 4.03 5.83
CA ILE A 209 20.59 4.02 4.38
C ILE A 209 21.96 4.40 3.78
N GLU A 210 22.62 5.40 4.33
CA GLU A 210 23.94 5.82 3.83
CA GLU A 210 23.92 5.81 3.81
C GLU A 210 24.93 4.67 3.89
N ALA A 211 24.94 3.94 5.02
CA ALA A 211 25.86 2.83 5.17
C ALA A 211 25.56 1.68 4.20
N ALA A 212 24.26 1.38 4.04
CA ALA A 212 23.90 0.34 3.10
C ALA A 212 24.25 0.75 1.66
N LYS A 213 24.01 2.01 1.33
CA LYS A 213 24.30 2.50 -0.02
C LYS A 213 25.80 2.37 -0.30
N LYS A 214 26.62 2.81 0.64
CA LYS A 214 28.08 2.60 0.53
C LYS A 214 28.48 1.13 0.37
N ASP A 215 27.83 0.22 1.10
CA ASP A 215 28.16 -1.19 1.01
C ASP A 215 27.55 -1.93 -0.20
N GLY A 216 26.74 -1.22 -0.99
CA GLY A 216 26.08 -1.81 -2.16
C GLY A 216 24.99 -2.79 -1.73
N ASP A 217 24.38 -2.50 -0.59
CA ASP A 217 23.37 -3.40 -0.02
C ASP A 217 22.00 -2.71 -0.04
N THR A 218 20.98 -3.44 0.46
CA THR A 218 19.62 -2.93 0.44
C THR A 218 18.98 -3.17 1.81
N LEU A 219 17.92 -2.42 2.08
CA LEU A 219 17.27 -2.42 3.40
C LEU A 219 15.77 -2.50 3.30
N GLY A 220 15.19 -3.06 4.35
CA GLY A 220 13.74 -2.99 4.57
C GLY A 220 13.46 -2.16 5.80
N GLY A 221 12.28 -2.31 6.38
CA GLY A 221 11.91 -1.46 7.48
C GLY A 221 10.50 -1.73 7.93
N VAL A 222 10.06 -0.93 8.91
CA VAL A 222 8.73 -1.01 9.50
C VAL A 222 8.04 0.33 9.40
N VAL A 223 6.78 0.32 8.92
CA VAL A 223 6.00 1.52 8.79
CA VAL A 223 6.00 1.53 8.78
C VAL A 223 4.71 1.37 9.58
N GLU A 224 4.22 2.48 10.08
CA GLU A 224 2.92 2.50 10.79
C GLU A 224 1.93 3.40 10.10
N ALA A 225 0.79 2.83 9.68
CA ALA A 225 -0.31 3.62 9.19
C ALA A 225 -1.21 3.95 10.36
N VAL A 226 -1.74 5.16 10.34
CA VAL A 226 -2.56 5.70 11.40
C VAL A 226 -3.84 6.25 10.80
N ALA A 227 -4.99 5.83 11.32
CA ALA A 227 -6.26 6.38 10.88
C ALA A 227 -6.96 7.02 12.06
N LEU A 228 -7.31 8.29 11.89
CA LEU A 228 -7.87 9.11 12.95
C LEU A 228 -9.32 9.43 12.69
N GLY A 229 -10.10 9.50 13.78
CA GLY A 229 -11.46 9.97 13.72
C GLY A 229 -12.53 8.91 13.51
N LEU A 230 -12.15 7.64 13.62
CA LEU A 230 -13.10 6.57 13.27
C LEU A 230 -14.22 6.45 14.29
N PRO A 231 -15.42 6.08 13.81
CA PRO A 231 -16.51 5.81 14.73
C PRO A 231 -16.32 4.46 15.40
N VAL A 232 -16.93 4.26 16.55
CA VAL A 232 -16.94 2.96 17.18
C VAL A 232 -17.82 2.00 16.39
N GLY A 233 -17.34 0.79 16.17
CA GLY A 233 -18.17 -0.28 15.67
C GLY A 233 -18.04 -0.64 14.21
N LEU A 234 -16.94 -0.26 13.54
CA LEU A 234 -16.65 -0.85 12.23
C LEU A 234 -15.98 -2.19 12.41
N GLY A 235 -16.25 -3.14 11.50
CA GLY A 235 -15.89 -4.53 11.72
C GLY A 235 -16.91 -5.19 12.64
N SER A 236 -16.72 -6.48 12.87
CA SER A 236 -17.56 -7.20 13.82
C SER A 236 -16.81 -8.33 14.47
N PHE A 237 -17.34 -8.77 15.61
CA PHE A 237 -16.84 -9.93 16.32
C PHE A 237 -17.54 -11.23 15.89
N THR A 238 -18.48 -11.16 14.97
CA THR A 238 -19.37 -12.31 14.71
C THR A 238 -18.71 -13.48 13.99
N SER A 239 -17.61 -13.24 13.27
CA SER A 239 -16.85 -14.32 12.66
CA SER A 239 -16.86 -14.32 12.67
C SER A 239 -15.46 -13.83 12.33
N GLY A 240 -14.54 -14.75 12.13
CA GLY A 240 -13.13 -14.41 11.87
C GLY A 240 -12.97 -13.47 10.69
N ASP A 241 -13.70 -13.75 9.62
CA ASP A 241 -13.53 -12.92 8.41
C ASP A 241 -14.09 -11.51 8.53
N HIS A 242 -15.00 -11.28 9.47
CA HIS A 242 -15.61 -9.97 9.68
C HIS A 242 -14.83 -9.06 10.65
N ARG A 243 -13.87 -9.64 11.39
CA ARG A 243 -13.01 -8.89 12.28
C ARG A 243 -12.20 -7.91 11.43
N LEU A 244 -12.18 -6.65 11.83
CA LEU A 244 -11.50 -5.64 11.00
CA LEU A 244 -11.51 -5.63 11.01
C LEU A 244 -10.01 -5.89 10.96
N ASP A 245 -9.44 -6.43 12.04
CA ASP A 245 -8.01 -6.80 12.02
C ASP A 245 -7.69 -7.87 10.98
N SER A 246 -8.60 -8.82 10.77
CA SER A 246 -8.45 -9.84 9.73
C SER A 246 -8.40 -9.17 8.36
N GLN A 247 -9.34 -8.26 8.13
CA GLN A 247 -9.47 -7.61 6.83
C GLN A 247 -8.26 -6.71 6.57
N LEU A 248 -7.84 -5.98 7.60
CA LEU A 248 -6.67 -5.09 7.45
C LEU A 248 -5.41 -5.91 7.22
N ALA A 249 -5.26 -7.02 7.94
CA ALA A 249 -4.11 -7.89 7.76
C ALA A 249 -4.05 -8.44 6.36
N ALA A 250 -5.19 -8.83 5.80
CA ALA A 250 -5.22 -9.34 4.41
C ALA A 250 -4.71 -8.25 3.45
N ALA A 251 -5.26 -7.07 3.63
CA ALA A 251 -4.99 -5.97 2.68
C ALA A 251 -3.55 -5.50 2.77
N VAL A 252 -3.00 -5.46 3.97
CA VAL A 252 -1.62 -5.00 4.16
C VAL A 252 -0.59 -6.09 3.83
N MET A 253 -0.84 -7.34 4.24
CA MET A 253 0.10 -8.41 3.96
CA MET A 253 0.08 -8.43 3.93
C MET A 253 0.16 -8.72 2.46
N GLY A 254 -0.91 -8.39 1.72
CA GLY A 254 -0.95 -8.56 0.28
C GLY A 254 -0.14 -7.55 -0.51
N ILE A 255 0.43 -6.56 0.18
CA ILE A 255 1.34 -5.62 -0.47
C ILE A 255 2.68 -6.30 -0.70
N GLN A 256 3.26 -6.07 -1.87
CA GLN A 256 4.58 -6.58 -2.19
C GLN A 256 5.60 -6.31 -1.07
N ALA A 257 6.38 -7.34 -0.77
CA ALA A 257 7.50 -7.31 0.17
C ALA A 257 7.13 -7.26 1.64
N ILE A 258 5.83 -7.25 1.96
CA ILE A 258 5.42 -7.23 3.36
C ILE A 258 5.45 -8.65 3.93
N LYS A 259 6.10 -8.82 5.09
CA LYS A 259 6.30 -10.14 5.73
C LYS A 259 5.71 -10.20 7.12
N GLY A 260 5.18 -9.08 7.58
CA GLY A 260 4.54 -9.04 8.93
C GLY A 260 3.56 -7.91 9.06
N VAL A 261 2.50 -8.11 9.86
CA VAL A 261 1.54 -7.07 10.14
C VAL A 261 1.19 -7.15 11.63
N GLU A 262 1.06 -6.00 12.26
CA GLU A 262 0.67 -5.87 13.67
C GLU A 262 -0.42 -4.84 13.81
N ILE A 263 -1.31 -5.04 14.79
CA ILE A 263 -2.25 -4.01 15.19
C ILE A 263 -1.78 -3.45 16.54
N GLY A 264 -1.64 -2.13 16.62
CA GLY A 264 -1.09 -1.48 17.80
C GLY A 264 0.25 -2.07 18.17
N ASP A 265 0.40 -2.40 19.44
CA ASP A 265 1.67 -2.86 19.97
C ASP A 265 1.99 -4.32 19.64
N GLY A 266 1.10 -4.98 18.86
CA GLY A 266 1.33 -6.31 18.32
C GLY A 266 2.15 -7.33 19.06
N PHE A 267 3.32 -7.64 18.52
CA PHE A 267 4.18 -8.66 19.08
C PHE A 267 4.65 -8.27 20.49
N GLN A 268 4.75 -6.98 20.80
CA GLN A 268 5.16 -6.57 22.15
C GLN A 268 4.04 -6.85 23.15
N THR A 269 2.81 -6.69 22.69
CA THR A 269 1.64 -7.03 23.54
C THR A 269 1.72 -8.49 24.01
N ALA A 270 2.19 -9.39 23.15
CA ALA A 270 2.36 -10.79 23.48
C ALA A 270 3.41 -11.08 24.56
N ARG A 271 4.22 -10.08 24.88
CA ARG A 271 5.27 -10.20 25.89
C ARG A 271 4.90 -9.51 27.20
N ARG A 272 3.68 -8.99 27.29
CA ARG A 272 3.25 -8.20 28.43
C ARG A 272 2.26 -8.99 29.29
N ARG A 273 2.21 -8.63 30.58
CA ARG A 273 1.19 -9.20 31.44
C ARG A 273 -0.14 -8.52 31.19
N GLY A 274 -1.24 -9.26 31.43
CA GLY A 274 -2.57 -8.73 31.26
C GLY A 274 -2.80 -7.44 32.02
N SER A 275 -2.20 -7.30 33.21
CA SER A 275 -2.32 -6.05 33.97
C SER A 275 -1.74 -4.81 33.30
N ARG A 276 -0.88 -4.99 32.29
CA ARG A 276 -0.28 -3.86 31.58
C ARG A 276 -0.43 -3.92 30.05
N ALA A 277 -1.28 -4.82 29.55
CA ALA A 277 -1.38 -5.07 28.10
C ALA A 277 -2.51 -4.31 27.43
N HIS A 278 -3.52 -3.91 28.20
CA HIS A 278 -4.79 -3.41 27.63
C HIS A 278 -5.05 -1.94 27.95
N ASP A 279 -6.09 -1.38 27.35
CA ASP A 279 -6.43 0.01 27.51
C ASP A 279 -7.63 0.16 28.41
N GLU A 280 -7.37 0.61 29.64
CA GLU A 280 -8.44 0.81 30.60
C GLU A 280 -9.35 1.97 30.19
N MET A 281 -10.61 1.90 30.62
CA MET A 281 -11.62 2.87 30.25
C MET A 281 -12.06 3.70 31.47
N TYR A 282 -12.34 4.96 31.21
CA TYR A 282 -12.71 5.94 32.24
C TYR A 282 -13.84 6.83 31.75
N PRO A 283 -14.63 7.39 32.68
CA PRO A 283 -15.64 8.36 32.32
C PRO A 283 -15.04 9.64 31.76
N GLY A 284 -15.73 10.24 30.79
CA GLY A 284 -15.32 11.49 30.16
C GLY A 284 -16.57 12.27 29.79
N PRO A 285 -16.40 13.52 29.33
CA PRO A 285 -17.57 14.36 29.06
C PRO A 285 -18.49 13.74 28.02
N ASP A 286 -17.94 13.46 26.83
CA ASP A 286 -18.73 12.94 25.72
C ASP A 286 -18.49 11.44 25.56
N GLY A 287 -18.44 10.74 26.69
CA GLY A 287 -18.34 9.28 26.68
C GLY A 287 -17.06 8.73 27.27
N VAL A 288 -16.90 7.43 27.10
CA VAL A 288 -15.76 6.69 27.62
C VAL A 288 -14.47 7.17 26.96
N VAL A 289 -13.43 7.31 27.78
CA VAL A 289 -12.10 7.72 27.30
C VAL A 289 -11.04 6.76 27.81
N ARG A 290 -9.93 6.66 27.08
CA ARG A 290 -8.83 5.78 27.44
C ARG A 290 -7.57 6.62 27.54
N SER A 291 -6.63 6.19 28.37
CA SER A 291 -5.36 6.91 28.58
C SER A 291 -4.22 6.26 27.80
N THR A 292 -4.45 5.04 27.29
CA THR A 292 -3.47 4.35 26.46
C THR A 292 -4.16 3.79 25.21
N ASN A 293 -3.35 3.49 24.21
CA ASN A 293 -3.85 2.87 22.98
C ASN A 293 -2.95 1.73 22.53
N ARG A 294 -2.69 0.83 23.46
CA ARG A 294 -1.92 -0.37 23.20
C ARG A 294 -2.60 -1.25 22.14
N ALA A 295 -3.94 -1.21 22.12
CA ALA A 295 -4.78 -2.00 21.21
C ALA A 295 -4.66 -1.51 19.77
N GLY A 296 -4.15 -0.29 19.57
CA GLY A 296 -4.10 0.27 18.21
C GLY A 296 -5.47 0.51 17.59
N GLY A 297 -6.46 0.86 18.40
CA GLY A 297 -7.76 1.27 17.92
C GLY A 297 -8.74 0.16 17.59
N LEU A 298 -8.35 -1.11 17.82
CA LEU A 298 -9.24 -2.25 17.57
C LEU A 298 -9.30 -3.15 18.77
N GLU A 299 -10.51 -3.55 19.14
CA GLU A 299 -10.70 -4.57 20.17
C GLU A 299 -11.83 -5.47 19.73
N GLY A 300 -11.61 -6.78 19.87
CA GLY A 300 -12.61 -7.77 19.48
C GLY A 300 -13.06 -7.72 18.03
N GLY A 301 -12.21 -7.15 17.17
CA GLY A 301 -12.48 -7.07 15.72
C GLY A 301 -13.11 -5.78 15.27
N MET A 302 -13.27 -4.82 16.18
CA MET A 302 -13.98 -3.59 15.88
C MET A 302 -13.22 -2.33 16.27
N THR A 303 -13.48 -1.24 15.55
CA THR A 303 -12.97 0.05 15.97
C THR A 303 -13.54 0.46 17.33
N ASN A 304 -12.67 0.99 18.18
CA ASN A 304 -13.10 1.47 19.52
C ASN A 304 -13.06 2.99 19.63
N GLY A 305 -12.71 3.67 18.56
CA GLY A 305 -12.70 5.14 18.52
C GLY A 305 -11.32 5.74 18.75
N GLN A 306 -10.38 4.94 19.25
CA GLN A 306 -8.98 5.40 19.38
C GLN A 306 -8.33 5.41 17.99
N PRO A 307 -7.16 6.06 17.86
CA PRO A 307 -6.45 5.98 16.59
C PRO A 307 -6.19 4.55 16.21
N LEU A 308 -6.45 4.23 14.95
CA LEU A 308 -6.10 2.91 14.43
C LEU A 308 -4.63 2.93 14.06
N ARG A 309 -3.89 1.94 14.51
CA ARG A 309 -2.46 1.81 14.23
C ARG A 309 -2.17 0.43 13.66
N VAL A 310 -1.70 0.40 12.40
CA VAL A 310 -1.40 -0.85 11.71
C VAL A 310 0.04 -0.74 11.25
N ARG A 311 0.87 -1.68 11.67
CA ARG A 311 2.28 -1.72 11.29
C ARG A 311 2.58 -2.83 10.32
N ALA A 312 3.45 -2.53 9.36
CA ALA A 312 3.82 -3.47 8.36
C ALA A 312 5.34 -3.60 8.36
N ALA A 313 5.81 -4.84 8.30
CA ALA A 313 7.24 -5.18 8.18
C ALA A 313 7.56 -5.45 6.71
N MET A 314 8.48 -4.67 6.14
CA MET A 314 8.87 -4.80 4.73
C MET A 314 10.27 -5.38 4.64
N LYS A 315 10.42 -6.44 3.87
CA LYS A 315 11.73 -7.02 3.64
C LYS A 315 12.43 -6.12 2.60
N PRO A 316 13.74 -6.22 2.55
CA PRO A 316 14.34 -5.45 1.47
C PRO A 316 14.08 -5.98 0.05
N ILE A 317 13.66 -5.15 -0.91
CA ILE A 317 12.69 -5.53 -1.96
C ILE A 317 13.64 -5.52 -3.21
N SER A 318 14.71 -4.72 -3.14
CA SER A 318 15.69 -4.66 -4.25
C SER A 318 16.77 -5.72 -4.06
N THR A 319 17.04 -6.48 -5.11
CA THR A 319 18.01 -7.55 -5.07
C THR A 319 19.43 -6.97 -5.04
N VAL A 320 20.25 -7.48 -4.13
CA VAL A 320 21.62 -7.00 -3.98
C VAL A 320 22.49 -7.47 -5.15
N PRO A 321 23.09 -6.53 -5.89
CA PRO A 321 23.97 -6.94 -7.00
C PRO A 321 25.07 -7.93 -6.59
N ARG A 322 25.18 -9.02 -7.36
CA ARG A 322 26.24 -10.04 -7.19
C ARG A 322 26.27 -10.88 -5.92
N ALA A 323 25.31 -10.70 -5.03
CA ALA A 323 25.36 -11.34 -3.72
C ALA A 323 24.67 -12.70 -3.67
N LEU A 324 23.63 -12.87 -4.47
CA LEU A 324 22.70 -13.96 -4.25
C LEU A 324 22.85 -15.04 -5.30
N ALA A 325 23.15 -16.23 -4.83
CA ALA A 325 23.22 -17.40 -5.64
C ALA A 325 21.83 -17.81 -6.06
N THR A 326 21.71 -18.22 -7.31
CA THR A 326 20.50 -18.82 -7.80
C THR A 326 20.85 -19.93 -8.82
N VAL A 327 19.84 -20.39 -9.55
CA VAL A 327 19.99 -21.42 -10.56
C VAL A 327 19.45 -20.91 -11.89
N ASP A 328 20.16 -21.18 -12.97
CA ASP A 328 19.61 -20.93 -14.30
C ASP A 328 18.71 -22.10 -14.62
N LEU A 329 17.40 -21.88 -14.62
CA LEU A 329 16.47 -22.97 -14.83
C LEU A 329 16.54 -23.60 -16.22
N ALA A 330 17.11 -22.86 -17.18
CA ALA A 330 17.28 -23.37 -18.52
C ALA A 330 18.32 -24.48 -18.58
N THR A 331 19.36 -24.35 -17.77
CA THR A 331 20.51 -25.28 -17.80
C THR A 331 20.73 -26.10 -16.54
N GLY A 332 20.19 -25.64 -15.42
CA GLY A 332 20.46 -26.26 -14.12
C GLY A 332 21.73 -25.75 -13.47
N ASP A 333 22.44 -24.86 -14.15
CA ASP A 333 23.71 -24.35 -13.65
C ASP A 333 23.50 -23.34 -12.55
N GLU A 334 24.51 -23.27 -11.71
CA GLU A 334 24.58 -22.21 -10.71
CA GLU A 334 24.66 -22.22 -10.72
C GLU A 334 24.65 -20.88 -11.43
N ALA A 335 24.08 -19.86 -10.81
CA ALA A 335 24.06 -18.52 -11.36
C ALA A 335 24.03 -17.48 -10.25
N VAL A 336 24.16 -16.23 -10.65
CA VAL A 336 23.99 -15.12 -9.74
C VAL A 336 22.79 -14.31 -10.17
N ALA A 337 21.99 -13.91 -9.19
CA ALA A 337 20.75 -13.20 -9.47
C ALA A 337 21.06 -11.78 -9.91
N ILE A 338 20.36 -11.33 -10.96
CA ILE A 338 20.52 -9.97 -11.43
CA ILE A 338 20.48 -9.98 -11.50
C ILE A 338 19.31 -9.13 -11.01
N HIS A 339 19.59 -7.91 -10.60
CA HIS A 339 18.58 -7.05 -10.04
C HIS A 339 17.75 -6.38 -11.13
N GLN A 340 16.49 -6.11 -10.80
CA GLN A 340 15.57 -5.33 -11.61
C GLN A 340 15.44 -3.89 -11.14
N ARG A 341 15.74 -3.63 -9.87
CA ARG A 341 15.68 -2.29 -9.34
C ARG A 341 16.96 -2.02 -8.54
N SER A 342 17.30 -0.75 -8.44
CA SER A 342 18.58 -0.32 -7.89
CA SER A 342 18.58 -0.33 -7.87
C SER A 342 18.47 0.57 -6.64
N ASP A 343 17.24 0.85 -6.18
CA ASP A 343 17.05 1.68 -5.00
C ASP A 343 17.44 0.91 -3.74
N VAL A 344 17.99 1.61 -2.76
CA VAL A 344 18.47 0.98 -1.55
C VAL A 344 17.30 0.61 -0.62
N CYS A 345 16.32 1.50 -0.51
CA CYS A 345 15.23 1.36 0.48
CA CYS A 345 15.22 1.31 0.44
C CYS A 345 13.95 1.98 -0.04
N ALA A 346 12.86 1.21 -0.08
CA ALA A 346 11.57 1.72 -0.54
C ALA A 346 10.55 1.86 0.60
N VAL A 347 11.02 1.85 1.83
CA VAL A 347 10.11 1.87 2.98
C VAL A 347 9.22 3.12 3.06
N PRO A 348 9.79 4.33 2.89
CA PRO A 348 8.92 5.50 2.94
C PRO A 348 7.76 5.46 1.95
N ALA A 349 8.05 5.11 0.70
CA ALA A 349 7.01 5.00 -0.33
C ALA A 349 6.04 3.85 -0.04
N ALA A 350 6.55 2.75 0.49
CA ALA A 350 5.71 1.62 0.90
C ALA A 350 4.67 2.04 1.93
N GLY A 351 5.05 2.98 2.81
CA GLY A 351 4.09 3.54 3.77
C GLY A 351 2.86 4.14 3.15
N VAL A 352 3.05 4.82 2.02
CA VAL A 352 1.97 5.43 1.30
C VAL A 352 1.01 4.35 0.79
N VAL A 353 1.57 3.20 0.40
CA VAL A 353 0.74 2.12 -0.12
C VAL A 353 -0.03 1.48 1.07
N VAL A 354 0.64 1.35 2.21
CA VAL A 354 -0.06 0.82 3.40
C VAL A 354 -1.25 1.72 3.73
N GLU A 355 -1.06 3.04 3.67
CA GLU A 355 -2.17 3.97 3.91
C GLU A 355 -3.34 3.66 3.00
N THR A 356 -3.02 3.45 1.72
CA THR A 356 -4.04 3.20 0.71
C THR A 356 -4.87 1.94 1.01
N MET A 357 -4.19 0.89 1.41
CA MET A 357 -4.88 -0.38 1.64
C MET A 357 -5.74 -0.29 2.90
N VAL A 358 -5.24 0.41 3.92
CA VAL A 358 -6.03 0.68 5.12
C VAL A 358 -7.28 1.49 4.76
N ALA A 359 -7.12 2.54 3.95
CA ALA A 359 -8.26 3.36 3.55
C ALA A 359 -9.34 2.55 2.81
N LEU A 360 -8.92 1.68 1.90
CA LEU A 360 -9.87 0.86 1.13
C LEU A 360 -10.68 -0.02 2.09
N VAL A 361 -10.00 -0.69 3.00
CA VAL A 361 -10.69 -1.58 3.97
C VAL A 361 -11.64 -0.78 4.86
N LEU A 362 -11.18 0.36 5.36
CA LEU A 362 -12.05 1.18 6.23
C LEU A 362 -13.27 1.69 5.49
N ALA A 363 -13.09 2.13 4.24
CA ALA A 363 -14.23 2.59 3.47
C ALA A 363 -15.25 1.47 3.24
N ARG A 364 -14.74 0.27 2.95
CA ARG A 364 -15.61 -0.89 2.74
C ARG A 364 -16.42 -1.17 4.02
N ALA A 365 -15.73 -1.14 5.16
CA ALA A 365 -16.39 -1.46 6.44
C ALA A 365 -17.42 -0.42 6.82
N ALA A 366 -17.12 0.85 6.53
CA ALA A 366 -18.07 1.92 6.78
C ALA A 366 -19.31 1.79 5.93
N LEU A 367 -19.14 1.46 4.65
CA LEU A 367 -20.30 1.27 3.78
C LEU A 367 -21.12 0.04 4.18
N GLU A 368 -20.45 -1.00 4.69
CA GLU A 368 -21.16 -2.17 5.19
CA GLU A 368 -21.16 -2.18 5.20
C GLU A 368 -22.11 -1.80 6.34
N LYS A 369 -21.63 -1.00 7.29
CA LYS A 369 -22.45 -0.62 8.44
C LYS A 369 -23.47 0.45 8.13
N PHE A 370 -23.03 1.50 7.43
CA PHE A 370 -23.86 2.68 7.25
C PHE A 370 -24.70 2.65 5.99
N GLY A 371 -24.39 1.75 5.06
CA GLY A 371 -25.14 1.63 3.83
C GLY A 371 -25.18 2.91 3.02
N GLY A 372 -26.25 3.05 2.27
CA GLY A 372 -26.47 4.21 1.40
C GLY A 372 -25.94 4.04 -0.01
N ASP A 373 -26.61 4.71 -0.94
CA ASP A 373 -26.20 4.74 -2.33
C ASP A 373 -25.62 6.10 -2.75
N SER A 374 -25.88 7.13 -1.97
CA SER A 374 -25.27 8.46 -2.16
C SER A 374 -24.63 8.89 -0.86
N LEU A 375 -23.65 9.77 -0.98
CA LEU A 375 -22.98 10.31 0.19
C LEU A 375 -23.93 10.91 1.21
N ALA A 376 -24.90 11.71 0.75
CA ALA A 376 -25.84 12.34 1.68
C ALA A 376 -26.64 11.32 2.48
N GLU A 377 -26.99 10.21 1.83
CA GLU A 377 -27.71 9.13 2.47
C GLU A 377 -26.83 8.47 3.54
N THR A 378 -25.62 8.08 3.15
CA THR A 378 -24.66 7.52 4.10
C THR A 378 -24.41 8.46 5.28
N GLN A 379 -24.28 9.76 4.99
CA GLN A 379 -24.05 10.76 6.04
C GLN A 379 -25.21 10.84 7.03
N ARG A 380 -26.43 10.76 6.53
CA ARG A 380 -27.61 10.78 7.42
C ARG A 380 -27.59 9.56 8.34
N ASN A 381 -27.22 8.40 7.77
CA ASN A 381 -27.18 7.16 8.55
C ASN A 381 -26.09 7.20 9.62
N ILE A 382 -24.93 7.73 9.25
CA ILE A 382 -23.86 7.95 10.20
C ILE A 382 -24.30 8.87 11.34
N ALA A 383 -24.90 10.00 10.99
CA ALA A 383 -25.34 10.98 12.01
C ALA A 383 -26.32 10.36 12.99
N ALA A 384 -27.25 9.57 12.48
CA ALA A 384 -28.25 8.91 13.31
C ALA A 384 -27.62 7.90 14.26
N TYR A 385 -26.63 7.15 13.77
CA TYR A 385 -25.91 6.23 14.61
C TYR A 385 -25.16 6.98 15.69
N GLN A 386 -24.50 8.06 15.31
CA GLN A 386 -23.69 8.85 16.24
C GLN A 386 -24.58 9.43 17.33
N ARG A 387 -25.75 9.90 16.95
CA ARG A 387 -26.74 10.39 17.93
C ARG A 387 -27.20 9.30 18.88
N SER A 388 -27.47 8.11 18.36
N SER A 388 -27.46 8.10 18.35
CA SER A 388 -27.91 6.99 19.18
CA SER A 388 -27.89 6.97 19.17
C SER A 388 -26.82 6.57 20.18
C SER A 388 -26.83 6.58 20.19
N VAL A 389 -25.56 6.66 19.78
CA VAL A 389 -24.44 6.38 20.67
C VAL A 389 -24.30 7.49 21.71
N ALA A 390 -24.42 8.73 21.28
CA ALA A 390 -24.29 9.87 22.19
C ALA A 390 -25.39 9.82 23.24
N ASP A 391 -26.60 9.44 22.82
CA ASP A 391 -27.75 9.42 23.72
C ASP A 391 -27.66 8.34 24.79
N ARG A 392 -26.67 7.45 24.66
CA ARG A 392 -26.31 6.56 25.76
C ARG A 392 -25.51 7.33 26.80
C ACT B . -11.22 -16.42 7.88
O ACT B . -11.53 -17.24 7.00
OXT ACT B . -11.50 -16.69 9.08
CH3 ACT B . -10.55 -15.13 7.52
C ACT C . -7.43 12.55 -0.90
O ACT C . -6.34 12.35 -1.51
OXT ACT C . -7.34 12.70 0.35
CH3 ACT C . -8.75 12.59 -1.60
C ACT D . 9.91 -3.53 -12.87
O ACT D . 11.08 -3.20 -12.56
OXT ACT D . 9.00 -2.76 -12.49
CH3 ACT D . 9.66 -4.79 -13.66
C ACT E . 25.00 -15.57 -14.48
O ACT E . 25.02 -16.15 -15.58
OXT ACT E . 25.26 -16.27 -13.48
CH3 ACT E . 24.68 -14.10 -14.36
C ACT F . 7.12 2.71 -9.81
O ACT F . 6.85 1.92 -8.87
OXT ACT F . 6.30 3.61 -10.09
CH3 ACT F . 8.37 2.55 -10.60
C ACT G . 3.14 1.52 -16.28
O ACT G . 4.07 1.33 -15.48
OXT ACT G . 2.62 2.65 -16.18
CH3 ACT G . 2.66 0.46 -17.23
C ACT H . 16.00 -13.19 -14.20
O ACT H . 16.76 -12.21 -14.29
OXT ACT H . 16.33 -14.17 -14.90
CH3 ACT H . 14.80 -13.20 -13.28
C ACT I . -8.33 10.22 19.53
O ACT I . -8.30 10.59 18.33
OXT ACT I . -7.26 10.37 20.17
CH3 ACT I . -9.57 9.63 20.16
C ACT J . -13.19 -9.45 -4.70
O ACT J . -11.97 -9.34 -4.91
OXT ACT J . -13.81 -8.43 -4.33
CH3 ACT J . -13.88 -10.77 -4.87
C ACT K . 3.04 11.09 -10.60
O ACT K . 2.96 10.43 -11.66
OXT ACT K . 3.99 10.79 -9.85
CH3 ACT K . 2.06 12.17 -10.26
C ACT L . 7.18 -9.62 -3.70
O ACT L . 6.37 -9.41 -2.76
OXT ACT L . 6.69 -9.96 -4.82
CH3 ACT L . 8.66 -9.48 -3.47
C ACT M . 22.73 8.79 13.88
O ACT M . 23.33 7.72 13.61
OXT ACT M . 21.86 8.71 14.80
CH3 ACT M . 23.05 10.06 13.15
NA NA N . -24.88 12.98 -2.25
NA NA O . -2.36 6.09 19.59
CL CL P . 15.33 -6.57 -7.88
N1 NCA Q . 5.14 -1.11 -1.71
C2 NCA Q . 5.62 -0.21 -2.59
C3 NCA Q . 6.92 -0.38 -3.13
C4 NCA Q . 7.67 -1.47 -2.80
C5 NCA Q . 7.13 -2.39 -1.89
C6 NCA Q . 5.86 -2.17 -1.36
C7 NCA Q . 7.44 0.59 -4.16
O7 NCA Q . 8.53 0.42 -4.69
N7 NCA Q . 6.65 1.56 -4.50
C TRS R . -23.11 0.10 -1.31
C1 TRS R . -21.78 -0.53 -0.90
C2 TRS R . -22.86 1.33 -2.19
C3 TRS R . -24.01 0.46 -0.11
N TRS R . -23.86 -0.89 -2.07
O1 TRS R . -21.11 -1.01 -2.06
O2 TRS R . -24.09 1.80 -2.67
O3 TRS R . -23.39 1.36 0.78
#